data_3IHX
#
_entry.id   3IHX
#
_cell.length_a   94.864
_cell.length_b   94.864
_cell.length_c   76.769
_cell.angle_alpha   90.00
_cell.angle_beta   90.00
_cell.angle_gamma   90.00
#
_symmetry.space_group_name_H-M   'P 43'
#
loop_
_entity.id
_entity.type
_entity.pdbx_description
1 polymer 'PR domain zinc finger protein 10'
2 water water
#
_entity_poly.entity_id   1
_entity_poly.type   'polypeptide(L)'
_entity_poly.pdbx_seq_one_letter_code
;KHGPLHPIPNRPVLTRARASLPLVLYIDRFLGGVFSKRRIPKRTQFGPVEGPLVRGSELKDCYIHLKVSLDKGDRKERDL
HEDLWFELSDETLCNWMMFVRPAQNHLEQNLVAYQYGHHVYYTTIKNVEPKQELKVWYAASYAEFVNQKIHD
;
_entity_poly.pdbx_strand_id   A,B,C,D
#
# COMPACT_ATOMS: atom_id res chain seq x y z
N HIS A 6 16.79 -26.61 32.73
CA HIS A 6 16.95 -25.51 31.72
C HIS A 6 17.14 -25.96 30.24
N PRO A 7 16.03 -26.29 29.54
CA PRO A 7 16.06 -26.71 28.12
C PRO A 7 16.59 -25.70 27.12
N ILE A 8 17.20 -26.17 26.04
CA ILE A 8 17.50 -25.34 24.85
C ILE A 8 17.04 -26.06 23.57
N PRO A 9 15.95 -25.60 22.95
CA PRO A 9 15.34 -26.40 21.89
C PRO A 9 16.19 -26.48 20.62
N ASN A 10 15.89 -27.45 19.77
CA ASN A 10 16.48 -27.45 18.45
C ASN A 10 16.08 -26.18 17.69
N ARG A 11 16.96 -25.73 16.81
CA ARG A 11 16.72 -24.54 15.98
C ARG A 11 15.84 -24.97 14.80
N PRO A 12 14.71 -24.29 14.57
CA PRO A 12 13.78 -24.69 13.48
C PRO A 12 14.43 -24.57 12.16
N VAL A 13 14.38 -25.61 11.35
CA VAL A 13 14.89 -25.59 9.97
C VAL A 13 13.79 -25.05 9.01
N LEU A 14 14.11 -24.09 8.16
CA LEU A 14 13.10 -23.47 7.33
C LEU A 14 13.22 -23.99 5.91
N THR A 15 12.22 -23.70 5.08
CA THR A 15 12.24 -24.09 3.69
C THR A 15 13.45 -23.43 3.03
N ARG A 16 13.94 -23.97 1.89
CA ARG A 16 15.08 -23.35 1.19
C ARG A 16 14.77 -21.88 0.99
N ALA A 17 13.58 -21.61 0.44
CA ALA A 17 13.24 -20.23 0.08
C ALA A 17 13.42 -19.32 1.26
N ARG A 18 12.95 -19.73 2.45
CA ARG A 18 13.04 -18.84 3.62
C ARG A 18 14.47 -18.68 4.15
N ALA A 19 15.27 -19.75 4.14
CA ALA A 19 16.63 -19.69 4.74
C ALA A 19 17.69 -19.01 3.86
N SER A 20 17.38 -18.87 2.57
CA SER A 20 18.38 -18.38 1.62
C SER A 20 18.32 -16.88 1.64
N LEU A 21 17.46 -16.33 2.49
CA LEU A 21 17.28 -14.89 2.62
C LEU A 21 18.50 -14.23 3.24
N PRO A 22 19.02 -13.17 2.61
CA PRO A 22 20.11 -12.37 3.23
C PRO A 22 19.78 -11.82 4.65
N LEU A 23 20.78 -11.85 5.51
CA LEU A 23 20.66 -11.43 6.91
C LEU A 23 20.19 -9.99 7.04
N VAL A 24 20.51 -9.20 6.01
CA VAL A 24 20.05 -7.85 5.73
C VAL A 24 18.51 -7.68 5.59
N LEU A 25 17.79 -8.76 5.32
CA LEU A 25 16.34 -8.67 5.08
C LEU A 25 15.56 -9.62 5.97
N TYR A 26 14.25 -9.45 5.99
CA TYR A 26 13.41 -10.38 6.68
C TYR A 26 12.05 -10.37 6.01
N ILE A 27 11.33 -11.45 6.15
CA ILE A 27 9.97 -11.55 5.74
C ILE A 27 9.12 -11.24 6.98
N ASP A 28 8.06 -10.47 6.80
CA ASP A 28 7.23 -10.07 7.89
C ASP A 28 5.99 -10.91 7.82
N ARG A 29 5.80 -11.78 8.83
CA ARG A 29 4.63 -12.66 8.99
C ARG A 29 3.31 -11.96 8.65
N PHE A 30 3.02 -10.84 9.31
CA PHE A 30 1.69 -10.22 9.28
C PHE A 30 1.41 -9.41 8.02
N LEU A 31 2.47 -8.88 7.43
CA LEU A 31 2.33 -7.94 6.33
C LEU A 31 2.43 -8.58 4.95
N GLY A 32 3.22 -9.65 4.82
CA GLY A 32 3.54 -10.22 3.52
C GLY A 32 4.79 -9.55 2.97
N GLY A 33 5.65 -10.29 2.32
CA GLY A 33 6.73 -9.63 1.61
C GLY A 33 7.99 -9.38 2.40
N VAL A 34 9.02 -8.94 1.68
CA VAL A 34 10.37 -8.76 2.20
C VAL A 34 10.68 -7.29 2.53
N PHE A 35 11.40 -7.04 3.61
CA PHE A 35 11.64 -5.70 4.11
C PHE A 35 13.12 -5.61 4.44
N SER A 36 13.63 -4.43 4.73
CA SER A 36 15.02 -4.30 5.10
C SER A 36 15.14 -4.05 6.61
N LYS A 37 16.11 -4.74 7.23
CA LYS A 37 16.47 -4.44 8.60
C LYS A 37 17.13 -3.05 8.67
N ARG A 38 17.96 -2.71 7.69
CA ARG A 38 18.75 -1.46 7.74
C ARG A 38 18.63 -0.70 6.41
N ARG A 39 19.37 0.42 6.26
CA ARG A 39 19.36 1.18 5.00
C ARG A 39 19.94 0.30 3.89
N ILE A 40 19.22 0.25 2.77
CA ILE A 40 19.69 -0.45 1.58
C ILE A 40 19.88 0.64 0.53
N PRO A 41 21.16 0.98 0.19
CA PRO A 41 21.46 2.11 -0.73
C PRO A 41 20.97 1.84 -2.13
N LYS A 42 20.78 2.90 -2.89
CA LYS A 42 20.51 2.77 -4.34
C LYS A 42 21.61 1.92 -5.04
N ARG A 43 21.22 1.22 -6.11
CA ARG A 43 22.11 0.38 -6.94
C ARG A 43 22.69 -0.80 -6.16
N THR A 44 21.86 -1.43 -5.33
CA THR A 44 22.30 -2.59 -4.60
C THR A 44 21.66 -3.75 -5.32
N GLN A 45 22.49 -4.73 -5.71
CA GLN A 45 22.05 -5.85 -6.53
C GLN A 45 21.78 -7.13 -5.73
N PHE A 46 20.54 -7.65 -5.81
CA PHE A 46 20.21 -8.95 -5.19
C PHE A 46 20.12 -10.00 -6.26
N GLY A 47 20.33 -11.27 -5.88
CA GLY A 47 20.21 -12.37 -6.82
C GLY A 47 21.39 -13.33 -6.88
N PRO A 48 21.30 -14.34 -7.76
CA PRO A 48 20.25 -14.58 -8.77
C PRO A 48 19.02 -15.19 -8.20
N VAL A 49 17.88 -14.91 -8.83
CA VAL A 49 16.66 -15.72 -8.66
C VAL A 49 16.98 -17.17 -8.95
N GLU A 50 16.50 -18.04 -8.08
CA GLU A 50 16.69 -19.48 -8.24
C GLU A 50 15.32 -20.15 -8.14
N GLY A 51 15.11 -21.17 -8.98
CA GLY A 51 13.87 -21.94 -8.96
C GLY A 51 13.69 -22.72 -10.25
N PRO A 52 12.60 -23.51 -10.35
CA PRO A 52 12.36 -24.34 -11.53
C PRO A 52 12.07 -23.49 -12.75
N LEU A 53 12.46 -23.95 -13.93
CA LEU A 53 12.10 -23.26 -15.16
C LEU A 53 10.90 -23.94 -15.83
N VAL A 54 10.06 -23.16 -16.53
CA VAL A 54 8.85 -23.71 -17.15
C VAL A 54 8.62 -23.08 -18.52
N ARG A 55 7.37 -22.98 -18.98
CA ARG A 55 7.12 -22.67 -20.40
C ARG A 55 6.40 -21.33 -20.69
N GLY A 56 5.71 -20.80 -19.69
CA GLY A 56 4.83 -19.64 -19.91
C GLY A 56 3.44 -20.20 -20.11
N SER A 57 3.34 -21.26 -20.91
CA SER A 57 2.29 -22.23 -20.75
C SER A 57 2.38 -22.54 -19.25
N GLU A 58 1.23 -22.83 -18.64
CA GLU A 58 1.19 -23.21 -17.22
C GLU A 58 2.25 -22.51 -16.34
N LEU A 59 2.08 -21.20 -16.16
CA LEU A 59 2.73 -20.41 -15.13
C LEU A 59 1.65 -19.76 -14.26
N LYS A 60 1.86 -19.75 -12.95
CA LYS A 60 0.87 -19.26 -11.98
C LYS A 60 0.77 -17.73 -11.94
N ASP A 61 -0.18 -17.25 -11.12
CA ASP A 61 -0.36 -15.81 -10.85
C ASP A 61 0.13 -15.34 -9.45
N CYS A 62 0.74 -16.21 -8.67
CA CYS A 62 1.25 -15.77 -7.37
C CYS A 62 2.39 -14.73 -7.55
N TYR A 63 2.95 -14.62 -8.74
CA TYR A 63 4.22 -13.94 -8.85
C TYR A 63 4.40 -13.09 -10.09
N ILE A 64 5.51 -12.35 -10.11
CA ILE A 64 5.96 -11.70 -11.30
C ILE A 64 6.41 -12.85 -12.19
N HIS A 65 6.34 -12.66 -13.50
CA HIS A 65 6.81 -13.66 -14.47
C HIS A 65 8.18 -13.26 -15.02
N LEU A 66 9.10 -14.20 -15.08
CA LEU A 66 10.46 -13.86 -15.42
C LEU A 66 11.07 -14.80 -16.44
N LYS A 67 11.38 -14.26 -17.62
CA LYS A 67 11.98 -15.04 -18.70
C LYS A 67 13.51 -15.21 -18.57
N VAL A 68 13.98 -16.43 -18.82
CA VAL A 68 15.42 -16.76 -18.87
C VAL A 68 15.80 -17.51 -20.15
N LEU A 84 12.00 -20.21 -21.77
CA LEU A 84 11.74 -20.74 -20.41
C LEU A 84 11.53 -19.64 -19.34
N TRP A 85 10.82 -19.97 -18.26
CA TRP A 85 10.36 -18.96 -17.28
C TRP A 85 10.58 -19.45 -15.85
N PHE A 86 10.43 -18.60 -14.85
CA PHE A 86 10.56 -19.11 -13.48
C PHE A 86 9.21 -19.41 -12.86
N GLU A 87 9.12 -20.60 -12.28
CA GLU A 87 7.94 -21.01 -11.55
C GLU A 87 8.24 -20.85 -10.07
N LEU A 88 7.79 -19.73 -9.51
CA LEU A 88 8.09 -19.37 -8.11
C LEU A 88 6.97 -19.74 -7.10
N SER A 89 6.50 -21.00 -7.18
CA SER A 89 5.36 -21.49 -6.41
C SER A 89 5.72 -22.11 -5.06
N ASP A 90 6.90 -22.74 -5.03
CA ASP A 90 7.24 -23.79 -4.07
C ASP A 90 8.48 -23.38 -3.32
N GLU A 91 8.34 -23.23 -2.01
CA GLU A 91 9.40 -22.74 -1.14
C GLU A 91 10.56 -23.70 -1.02
N THR A 92 10.28 -24.97 -1.27
CA THR A 92 11.29 -26.00 -1.18
C THR A 92 12.11 -26.05 -2.45
N LEU A 93 11.70 -25.33 -3.49
CA LEU A 93 12.35 -25.48 -4.78
C LEU A 93 12.91 -24.17 -5.32
N CYS A 94 12.47 -23.06 -4.72
CA CYS A 94 12.91 -21.69 -5.01
C CYS A 94 13.75 -21.10 -3.89
N ASN A 95 14.36 -19.95 -4.16
CA ASN A 95 14.97 -19.18 -3.08
C ASN A 95 14.15 -17.93 -2.70
N TRP A 96 14.71 -17.08 -1.84
CA TRP A 96 13.95 -16.05 -1.13
C TRP A 96 13.22 -15.08 -2.03
N MET A 97 13.75 -14.86 -3.24
CA MET A 97 13.16 -13.92 -4.20
C MET A 97 11.73 -14.31 -4.55
N MET A 98 11.37 -15.59 -4.38
CA MET A 98 9.98 -15.90 -4.62
C MET A 98 9.04 -15.01 -3.79
N PHE A 99 9.56 -14.37 -2.74
CA PHE A 99 8.69 -13.68 -1.77
C PHE A 99 8.61 -12.21 -2.11
N VAL A 100 9.43 -11.80 -3.05
CA VAL A 100 9.49 -10.38 -3.36
C VAL A 100 8.35 -10.06 -4.26
N ARG A 101 7.39 -9.31 -3.72
CA ARG A 101 6.15 -9.05 -4.45
C ARG A 101 6.31 -8.03 -5.57
N PRO A 102 5.51 -8.21 -6.64
CA PRO A 102 5.55 -7.30 -7.78
C PRO A 102 4.89 -5.97 -7.48
N ALA A 103 5.64 -4.90 -7.61
CA ALA A 103 5.13 -3.52 -7.49
C ALA A 103 3.95 -3.24 -8.43
N GLN A 104 3.04 -2.37 -8.03
CA GLN A 104 1.88 -2.03 -8.86
C GLN A 104 1.73 -0.59 -9.28
N ASN A 105 2.57 0.29 -8.74
CA ASN A 105 2.72 1.64 -9.28
C ASN A 105 4.15 2.08 -9.03
N HIS A 106 4.54 3.20 -9.62
CA HIS A 106 5.89 3.73 -9.51
C HIS A 106 6.19 4.25 -8.10
N LEU A 107 5.15 4.43 -7.28
CA LEU A 107 5.31 4.92 -5.91
C LEU A 107 5.89 3.84 -5.03
N GLU A 108 5.55 2.61 -5.31
CA GLU A 108 5.90 1.57 -4.35
C GLU A 108 7.10 0.76 -4.84
N GLN A 109 7.57 1.05 -6.05
CA GLN A 109 8.63 0.25 -6.65
C GLN A 109 10.04 0.68 -6.23
N ASN A 110 10.87 -0.27 -5.87
CA ASN A 110 12.19 0.09 -5.47
C ASN A 110 13.16 -0.90 -6.00
N LEU A 111 12.68 -1.90 -6.73
CA LEU A 111 13.64 -2.77 -7.46
C LEU A 111 13.31 -2.85 -8.90
N VAL A 112 14.29 -3.17 -9.71
CA VAL A 112 14.09 -3.48 -11.10
C VAL A 112 14.73 -4.82 -11.27
N ALA A 113 14.08 -5.64 -12.09
CA ALA A 113 14.57 -6.96 -12.47
C ALA A 113 15.15 -6.94 -13.88
N TYR A 114 16.28 -7.61 -14.09
CA TYR A 114 16.82 -7.80 -15.46
C TYR A 114 17.62 -9.09 -15.49
N GLN A 115 17.89 -9.58 -16.70
CA GLN A 115 18.91 -10.62 -16.93
C GLN A 115 20.30 -10.01 -17.15
N TYR A 116 21.33 -10.60 -16.53
CA TYR A 116 22.72 -10.14 -16.74
C TYR A 116 23.67 -11.27 -17.13
N GLY A 117 23.81 -12.28 -16.29
CA GLY A 117 24.74 -13.36 -16.70
C GLY A 117 23.95 -14.37 -17.49
N HIS A 118 23.97 -15.60 -16.98
CA HIS A 118 22.92 -16.56 -17.25
C HIS A 118 21.81 -16.36 -16.22
N HIS A 119 21.80 -15.20 -15.57
CA HIS A 119 20.99 -15.05 -14.39
C HIS A 119 20.09 -13.80 -14.38
N VAL A 120 19.18 -13.74 -13.42
CA VAL A 120 18.22 -12.64 -13.24
C VAL A 120 18.44 -12.08 -11.86
N TYR A 121 18.39 -10.75 -11.75
CA TYR A 121 18.76 -10.01 -10.56
C TYR A 121 17.71 -8.97 -10.20
N TYR A 122 17.62 -8.59 -8.93
CA TYR A 122 16.79 -7.48 -8.53
C TYR A 122 17.70 -6.40 -8.01
N THR A 123 17.60 -5.18 -8.56
CA THR A 123 18.52 -4.12 -8.15
C THR A 123 17.79 -2.86 -7.59
N THR A 124 18.20 -2.35 -6.43
CA THR A 124 17.49 -1.20 -5.87
C THR A 124 17.59 0.04 -6.78
N ILE A 125 16.49 0.74 -6.96
CA ILE A 125 16.56 1.97 -7.73
C ILE A 125 16.42 3.19 -6.81
N LYS A 126 16.12 2.94 -5.54
CA LYS A 126 15.99 3.98 -4.53
C LYS A 126 16.87 3.59 -3.35
N ASN A 127 17.23 4.55 -2.53
CA ASN A 127 17.74 4.23 -1.22
C ASN A 127 16.51 3.76 -0.50
N VAL A 128 16.53 2.53 -0.02
CA VAL A 128 15.41 1.97 0.66
C VAL A 128 15.62 2.08 2.15
N GLU A 129 14.56 2.50 2.84
CA GLU A 129 14.60 2.81 4.25
C GLU A 129 14.14 1.58 5.09
N PRO A 130 14.54 1.54 6.36
CA PRO A 130 14.04 0.45 7.20
C PRO A 130 12.51 0.39 7.26
N LYS A 131 11.96 -0.82 7.26
CA LYS A 131 10.50 -1.01 7.32
C LYS A 131 9.83 -0.58 6.02
N GLN A 132 10.57 -0.63 4.91
CA GLN A 132 9.94 -0.40 3.60
C GLN A 132 9.95 -1.72 2.85
N GLU A 133 8.82 -2.06 2.26
CA GLU A 133 8.71 -3.32 1.56
C GLU A 133 9.41 -3.22 0.21
N LEU A 134 10.24 -4.21 -0.07
CA LEU A 134 10.90 -4.32 -1.36
C LEU A 134 9.90 -4.80 -2.38
N LYS A 135 9.82 -4.12 -3.53
CA LYS A 135 8.78 -4.42 -4.53
C LYS A 135 9.34 -4.25 -5.94
N VAL A 136 9.18 -5.27 -6.78
CA VAL A 136 9.95 -5.37 -8.02
C VAL A 136 9.12 -5.14 -9.28
N TRP A 137 9.74 -4.60 -10.30
CA TRP A 137 9.16 -4.68 -11.62
C TRP A 137 10.30 -4.58 -12.67
N TYR A 138 9.95 -4.93 -13.91
CA TYR A 138 10.90 -4.97 -15.03
C TYR A 138 11.71 -3.69 -15.29
N ALA A 139 13.00 -3.86 -15.58
CA ALA A 139 13.79 -2.77 -16.13
C ALA A 139 13.36 -2.71 -17.58
N ALA A 140 13.29 -1.50 -18.12
CA ALA A 140 12.76 -1.30 -19.47
C ALA A 140 13.31 -2.28 -20.53
N SER A 141 14.63 -2.46 -20.60
CA SER A 141 15.17 -3.37 -21.61
C SER A 141 14.67 -4.79 -21.36
N TYR A 142 14.64 -5.21 -20.09
CA TYR A 142 14.11 -6.51 -19.72
C TYR A 142 12.62 -6.61 -20.03
N ALA A 143 11.88 -5.53 -19.86
CA ALA A 143 10.47 -5.51 -20.24
C ALA A 143 10.32 -5.81 -21.74
N GLU A 144 11.32 -5.43 -22.54
CA GLU A 144 11.31 -5.82 -23.95
C GLU A 144 11.37 -7.36 -24.14
N PHE A 145 12.26 -8.04 -23.40
CA PHE A 145 12.43 -9.49 -23.63
C PHE A 145 11.18 -10.30 -23.27
N VAL A 146 10.50 -9.87 -22.21
CA VAL A 146 9.37 -10.58 -21.62
C VAL A 146 8.13 -10.44 -22.48
N LEU B 5 -48.05 4.93 33.65
CA LEU B 5 -47.17 6.08 34.02
C LEU B 5 -45.67 5.73 34.01
N HIS B 6 -45.29 4.63 34.69
CA HIS B 6 -43.87 4.14 34.69
C HIS B 6 -43.52 3.17 33.55
N PRO B 7 -42.82 3.66 32.53
CA PRO B 7 -42.46 2.83 31.39
C PRO B 7 -41.22 1.93 31.62
N ILE B 8 -41.33 0.65 31.28
CA ILE B 8 -40.19 -0.25 31.25
C ILE B 8 -40.12 -0.73 29.79
N PRO B 9 -39.07 -0.35 29.04
CA PRO B 9 -38.94 -0.55 27.58
C PRO B 9 -38.44 -1.91 27.14
N ASN B 10 -38.90 -2.34 25.97
CA ASN B 10 -38.46 -3.56 25.32
C ASN B 10 -36.97 -3.56 25.23
N ARG B 11 -36.33 -4.72 25.24
CA ARG B 11 -34.90 -4.75 25.07
C ARG B 11 -34.61 -4.63 23.56
N PRO B 12 -33.62 -3.81 23.18
CA PRO B 12 -33.30 -3.78 21.76
C PRO B 12 -32.65 -5.07 21.31
N VAL B 13 -33.10 -5.56 20.16
CA VAL B 13 -32.46 -6.72 19.53
C VAL B 13 -31.35 -6.32 18.57
N LEU B 14 -30.18 -6.90 18.84
CA LEU B 14 -28.96 -6.73 18.05
C LEU B 14 -28.85 -7.78 16.93
N THR B 15 -27.91 -7.55 16.03
CA THR B 15 -27.58 -8.48 14.96
C THR B 15 -27.04 -9.76 15.58
N ARG B 16 -27.12 -10.87 14.82
CA ARG B 16 -26.50 -12.14 15.24
C ARG B 16 -25.06 -11.96 15.71
N ALA B 17 -24.30 -11.18 14.95
CA ALA B 17 -22.89 -11.00 15.21
C ALA B 17 -22.61 -10.46 16.61
N ARG B 18 -23.36 -9.42 17.02
CA ARG B 18 -23.14 -8.76 18.32
C ARG B 18 -23.77 -9.57 19.44
N ALA B 19 -24.90 -10.22 19.14
CA ALA B 19 -25.60 -10.98 20.17
C ALA B 19 -24.84 -12.26 20.55
N SER B 20 -23.99 -12.77 19.66
CA SER B 20 -23.28 -14.01 19.93
C SER B 20 -22.04 -13.75 20.77
N LEU B 21 -21.77 -12.48 21.07
CA LEU B 21 -20.57 -12.12 21.80
C LEU B 21 -20.61 -12.68 23.23
N PRO B 22 -19.53 -13.39 23.63
CA PRO B 22 -19.36 -13.84 25.01
C PRO B 22 -19.37 -12.62 25.94
N LEU B 23 -19.98 -12.81 27.13
CA LEU B 23 -20.33 -11.71 28.03
C LEU B 23 -19.11 -11.17 28.70
N VAL B 24 -18.02 -11.90 28.56
CA VAL B 24 -16.74 -11.51 29.12
C VAL B 24 -15.94 -10.57 28.17
N LEU B 25 -16.58 -10.11 27.09
CA LEU B 25 -15.98 -9.20 26.11
C LEU B 25 -16.93 -8.08 25.74
N TYR B 26 -16.43 -7.01 25.13
CA TYR B 26 -17.35 -5.99 24.61
C TYR B 26 -16.82 -5.40 23.38
N ILE B 27 -17.68 -4.75 22.63
CA ILE B 27 -17.29 -4.07 21.41
C ILE B 27 -17.21 -2.58 21.67
N ASP B 28 -16.07 -1.96 21.40
CA ASP B 28 -15.87 -0.54 21.74
C ASP B 28 -16.88 0.35 20.98
N ARG B 29 -17.78 0.97 21.74
CA ARG B 29 -18.85 1.87 21.20
C ARG B 29 -18.43 2.69 19.96
N PHE B 30 -17.18 3.20 19.96
CA PHE B 30 -16.72 4.14 18.94
C PHE B 30 -15.71 3.50 17.92
N LEU B 31 -14.65 2.86 18.41
CA LEU B 31 -13.61 2.25 17.58
C LEU B 31 -14.00 0.92 16.95
N GLY B 32 -15.05 0.26 17.46
CA GLY B 32 -15.29 -1.12 17.06
C GLY B 32 -14.07 -1.95 17.51
N GLY B 33 -14.10 -3.25 17.19
CA GLY B 33 -13.15 -4.22 17.74
C GLY B 33 -13.61 -4.81 19.08
N VAL B 34 -13.07 -6.00 19.38
CA VAL B 34 -13.44 -6.85 20.50
C VAL B 34 -12.40 -6.54 21.58
N PHE B 35 -12.84 -6.33 22.82
CA PHE B 35 -12.00 -5.98 23.95
C PHE B 35 -12.38 -6.85 25.21
N SER B 36 -11.43 -7.02 26.14
CA SER B 36 -11.64 -7.81 27.37
C SER B 36 -12.83 -7.29 28.19
N ARG B 38 -12.81 -7.55 31.72
CA ARG B 38 -12.02 -8.09 32.83
C ARG B 38 -10.69 -8.74 32.35
N ARG B 39 -9.94 -9.38 33.23
CA ARG B 39 -8.73 -10.10 32.80
C ARG B 39 -9.08 -11.43 32.11
N ILE B 40 -8.26 -11.84 31.15
CA ILE B 40 -8.41 -13.15 30.48
C ILE B 40 -7.09 -13.89 30.38
N PRO B 41 -7.00 -15.09 31.01
CA PRO B 41 -5.79 -15.91 31.04
C PRO B 41 -5.38 -16.46 29.67
N LYS B 42 -4.11 -16.83 29.57
CA LYS B 42 -3.57 -17.56 28.42
C LYS B 42 -4.34 -18.89 28.28
N ARG B 43 -4.14 -19.56 27.15
CA ARG B 43 -4.68 -20.90 26.90
C ARG B 43 -6.22 -20.92 26.88
N THR B 44 -6.84 -19.74 26.73
CA THR B 44 -8.30 -19.60 26.68
C THR B 44 -8.88 -19.71 25.25
N GLN B 45 -9.82 -20.63 25.04
CA GLN B 45 -10.27 -20.96 23.71
C GLN B 45 -11.62 -20.33 23.39
N PHE B 46 -11.67 -19.60 22.28
CA PHE B 46 -12.87 -18.97 21.79
C PHE B 46 -13.24 -19.68 20.50
N GLY B 47 -14.46 -19.45 20.04
CA GLY B 47 -14.93 -20.14 18.86
C GLY B 47 -15.84 -21.31 19.14
N PRO B 48 -16.32 -21.96 18.07
CA PRO B 48 -15.83 -21.77 16.68
C PRO B 48 -16.34 -20.52 15.94
N VAL B 49 -15.52 -19.98 15.06
CA VAL B 49 -15.91 -18.95 14.10
C VAL B 49 -17.15 -19.39 13.29
N GLU B 50 -18.11 -18.48 13.08
CA GLU B 50 -19.27 -18.76 12.20
C GLU B 50 -19.50 -17.68 11.08
N GLY B 51 -19.72 -18.11 9.85
CA GLY B 51 -20.04 -17.18 8.76
C GLY B 51 -20.13 -17.94 7.47
N PRO B 52 -20.53 -17.27 6.36
CA PRO B 52 -20.56 -17.99 5.06
C PRO B 52 -19.14 -18.40 4.65
N LEU B 53 -19.02 -19.59 4.06
CA LEU B 53 -17.77 -20.08 3.48
C LEU B 53 -17.86 -20.02 1.98
N VAL B 54 -16.83 -19.46 1.37
CA VAL B 54 -16.91 -18.93 0.03
C VAL B 54 -15.58 -19.28 -0.61
N ARG B 55 -15.52 -19.24 -1.93
CA ARG B 55 -14.34 -19.76 -2.63
C ARG B 55 -13.01 -18.96 -2.40
N GLY B 56 -13.07 -17.70 -2.01
CA GLY B 56 -11.76 -17.08 -1.70
C GLY B 56 -11.30 -16.04 -2.71
N SER B 57 -11.86 -16.16 -3.91
CA SER B 57 -11.83 -15.13 -4.91
C SER B 57 -12.98 -14.19 -4.62
N GLU B 58 -13.79 -14.54 -3.62
CA GLU B 58 -14.97 -13.75 -3.27
C GLU B 58 -14.78 -13.01 -1.90
N LEU B 59 -13.57 -13.07 -1.37
CA LEU B 59 -13.23 -12.45 -0.13
C LEU B 59 -12.93 -10.91 -0.22
N LYS B 60 -13.06 -10.23 0.92
CA LYS B 60 -12.80 -8.80 0.98
C LYS B 60 -11.56 -8.64 1.85
N ASP B 61 -10.90 -7.50 1.75
CA ASP B 61 -9.60 -7.36 2.37
C ASP B 61 -9.71 -6.63 3.70
N CYS B 62 -10.91 -6.65 4.27
CA CYS B 62 -11.25 -5.98 5.54
C CYS B 62 -11.03 -6.81 6.77
N TYR B 63 -10.73 -8.06 6.57
CA TYR B 63 -10.67 -8.95 7.72
C TYR B 63 -9.60 -9.98 7.44
N ILE B 64 -9.20 -10.71 8.48
CA ILE B 64 -8.20 -11.78 8.35
C ILE B 64 -8.82 -12.94 7.57
N HIS B 65 -8.04 -13.54 6.69
CA HIS B 65 -8.50 -14.62 5.84
C HIS B 65 -8.26 -16.00 6.48
N LEU B 66 -9.37 -16.68 6.77
CA LEU B 66 -9.40 -17.98 7.43
C LEU B 66 -9.85 -19.06 6.46
N LYS B 67 -9.01 -20.08 6.25
CA LYS B 67 -9.38 -21.17 5.36
C LYS B 67 -9.87 -22.35 6.18
N VAL B 68 -10.88 -23.06 5.66
CA VAL B 68 -11.44 -24.27 6.30
C VAL B 68 -11.40 -25.57 5.43
N SER B 69 -11.13 -26.68 6.12
CA SER B 69 -11.27 -28.12 5.69
C SER B 69 -9.99 -28.57 5.04
N ASP B 83 -10.77 -26.14 0.91
CA ASP B 83 -10.67 -24.95 0.06
C ASP B 83 -11.78 -23.86 0.14
N LEU B 84 -12.51 -23.74 1.26
CA LEU B 84 -13.37 -22.53 1.43
C LEU B 84 -12.92 -21.60 2.55
N TRP B 85 -13.52 -20.42 2.66
CA TRP B 85 -13.00 -19.35 3.49
C TRP B 85 -14.15 -18.51 4.05
N PHE B 86 -14.02 -18.05 5.28
CA PHE B 86 -15.09 -17.27 5.86
C PHE B 86 -15.21 -15.88 5.24
N GLU B 87 -16.39 -15.52 4.74
CA GLU B 87 -16.60 -14.15 4.38
C GLU B 87 -17.10 -13.41 5.60
N LEU B 88 -16.22 -12.71 6.33
CA LEU B 88 -16.62 -12.13 7.61
C LEU B 88 -17.19 -10.72 7.55
N SER B 89 -18.13 -10.46 6.65
CA SER B 89 -18.47 -9.09 6.43
C SER B 89 -19.89 -8.66 6.81
N ASP B 90 -20.82 -9.60 6.89
CA ASP B 90 -22.22 -9.31 7.17
C ASP B 90 -22.58 -9.67 8.64
N GLU B 91 -23.12 -8.71 9.41
CA GLU B 91 -23.35 -8.93 10.84
C GLU B 91 -24.52 -9.84 11.13
N THR B 92 -25.35 -10.11 10.11
CA THR B 92 -26.52 -11.00 10.28
C THR B 92 -26.22 -12.41 9.90
N LEU B 93 -25.04 -12.62 9.33
CA LEU B 93 -24.64 -13.95 8.85
C LEU B 93 -23.43 -14.53 9.60
N CYS B 94 -22.81 -13.75 10.48
CA CYS B 94 -21.60 -14.23 11.14
C CYS B 94 -21.76 -14.12 12.62
N ASN B 95 -20.95 -14.83 13.38
CA ASN B 95 -20.92 -14.56 14.79
C ASN B 95 -19.91 -13.47 15.05
N TRP B 96 -19.62 -13.25 16.33
CA TRP B 96 -18.92 -12.07 16.73
C TRP B 96 -17.45 -12.07 16.32
N MET B 97 -16.96 -13.22 15.88
CA MET B 97 -15.55 -13.31 15.60
C MET B 97 -15.22 -12.50 14.39
N MET B 98 -16.25 -12.02 13.67
CA MET B 98 -15.98 -11.10 12.58
C MET B 98 -15.35 -9.79 13.07
N PHE B 99 -15.42 -9.52 14.39
CA PHE B 99 -15.11 -8.19 14.87
C PHE B 99 -13.71 -8.08 15.41
N VAL B 100 -13.05 -9.23 15.53
CA VAL B 100 -11.70 -9.28 16.05
C VAL B 100 -10.76 -8.95 14.90
N ARG B 101 -10.06 -7.83 15.04
CA ARG B 101 -9.16 -7.32 14.05
C ARG B 101 -7.90 -8.15 14.03
N PRO B 102 -7.21 -8.20 12.87
CA PRO B 102 -5.95 -8.91 12.86
C PRO B 102 -4.83 -8.06 13.51
N ALA B 103 -3.87 -8.73 14.14
CA ALA B 103 -2.66 -8.11 14.64
C ALA B 103 -1.64 -7.80 13.53
N GLN B 104 -0.98 -6.64 13.59
CA GLN B 104 0.18 -6.31 12.71
C GLN B 104 1.58 -6.72 13.23
N ASN B 105 1.75 -6.83 14.53
CA ASN B 105 3.06 -7.17 15.12
C ASN B 105 2.82 -8.15 16.26
N HIS B 106 3.85 -8.91 16.64
CA HIS B 106 3.75 -9.91 17.73
C HIS B 106 3.42 -9.29 19.09
N LEU B 107 3.84 -8.05 19.30
CA LEU B 107 3.56 -7.37 20.56
C LEU B 107 2.05 -7.27 20.72
N GLU B 108 1.33 -6.69 19.77
CA GLU B 108 -0.13 -6.60 19.91
C GLU B 108 -0.90 -7.89 19.73
N GLN B 109 -0.25 -8.97 19.32
CA GLN B 109 -1.02 -10.23 19.18
C GLN B 109 -1.18 -10.98 20.51
N ASN B 110 -2.43 -11.29 20.84
CA ASN B 110 -2.75 -12.08 22.02
C ASN B 110 -3.63 -13.32 21.68
N LEU B 111 -4.08 -13.41 20.42
CA LEU B 111 -4.85 -14.59 19.95
C LEU B 111 -4.14 -15.44 18.88
N VAL B 112 -4.35 -16.75 18.94
CA VAL B 112 -3.85 -17.69 17.93
C VAL B 112 -5.05 -18.29 17.20
N ALA B 113 -5.07 -18.21 15.86
CA ALA B 113 -6.11 -18.93 15.09
C ALA B 113 -5.59 -20.25 14.53
N TYR B 114 -6.46 -21.24 14.49
CA TYR B 114 -6.17 -22.58 13.95
C TYR B 114 -7.46 -23.36 13.71
N GLN B 115 -7.41 -24.29 12.77
CA GLN B 115 -8.48 -25.24 12.54
C GLN B 115 -8.32 -26.40 13.55
N TYR B 116 -9.43 -27.10 13.82
CA TYR B 116 -9.51 -28.31 14.64
C TYR B 116 -10.86 -28.90 14.31
N GLY B 117 -10.86 -30.17 13.92
CA GLY B 117 -12.10 -30.82 13.47
C GLY B 117 -12.92 -29.92 12.56
N HIS B 118 -12.28 -29.45 11.49
CA HIS B 118 -12.97 -28.59 10.53
C HIS B 118 -13.76 -27.40 11.14
N HIS B 119 -13.34 -26.90 12.32
CA HIS B 119 -13.74 -25.57 12.77
C HIS B 119 -12.51 -24.76 13.08
N VAL B 120 -12.67 -23.44 13.14
CA VAL B 120 -11.57 -22.56 13.48
C VAL B 120 -11.79 -21.95 14.85
N TYR B 121 -10.77 -21.97 15.69
CA TYR B 121 -10.86 -21.33 16.98
C TYR B 121 -9.79 -20.23 17.12
N TYR B 122 -10.01 -19.32 18.08
CA TYR B 122 -9.03 -18.30 18.47
C TYR B 122 -8.71 -18.56 19.95
N THR B 123 -7.43 -18.84 20.25
CA THR B 123 -6.99 -19.14 21.60
C THR B 123 -5.93 -18.12 22.04
N THR B 124 -6.01 -17.70 23.30
CA THR B 124 -5.10 -16.66 23.81
C THR B 124 -3.66 -17.16 24.02
N ILE B 125 -2.69 -16.33 23.61
CA ILE B 125 -1.28 -16.64 23.85
C ILE B 125 -0.64 -15.64 24.81
N LYS B 126 -1.45 -14.73 25.33
CA LYS B 126 -1.06 -13.92 26.47
C LYS B 126 -2.21 -13.95 27.46
N ASN B 127 -1.95 -13.55 28.70
CA ASN B 127 -3.00 -12.98 29.54
C ASN B 127 -3.40 -11.63 28.93
N VAL B 128 -4.58 -11.57 28.33
CA VAL B 128 -5.11 -10.28 27.90
C VAL B 128 -5.49 -9.53 29.18
N GLU B 129 -4.95 -8.33 29.36
CA GLU B 129 -5.32 -7.50 30.50
C GLU B 129 -6.63 -6.73 30.22
N PRO B 130 -7.31 -6.25 31.29
CA PRO B 130 -8.54 -5.48 31.04
C PRO B 130 -8.24 -4.02 30.63
N GLN B 132 -8.21 -3.64 26.94
CA GLN B 132 -7.22 -3.89 25.92
C GLN B 132 -7.67 -4.89 24.79
N GLU B 133 -7.39 -4.52 23.54
CA GLU B 133 -7.95 -5.19 22.34
C GLU B 133 -7.50 -6.62 22.11
N LEU B 134 -8.42 -7.44 21.62
CA LEU B 134 -8.09 -8.78 21.17
C LEU B 134 -7.68 -8.70 19.71
N LYS B 135 -6.44 -9.08 19.43
CA LYS B 135 -5.93 -9.14 18.08
C LYS B 135 -5.34 -10.53 17.73
N VAL B 136 -5.65 -11.02 16.54
CA VAL B 136 -5.47 -12.43 16.24
C VAL B 136 -4.56 -12.65 15.06
N TRP B 137 -3.81 -13.75 15.05
CA TRP B 137 -3.10 -14.16 13.82
C TRP B 137 -2.89 -15.67 13.80
N TYR B 138 -2.51 -16.19 12.64
CA TYR B 138 -2.36 -17.63 12.40
C TYR B 138 -1.31 -18.34 13.29
N ALA B 139 -1.64 -19.57 13.70
CA ALA B 139 -0.67 -20.50 14.29
C ALA B 139 0.24 -20.95 13.16
N ALA B 140 1.50 -21.20 13.50
CA ALA B 140 2.48 -21.58 12.47
C ALA B 140 1.93 -22.67 11.53
N SER B 141 1.33 -23.72 12.11
CA SER B 141 0.78 -24.87 11.37
C SER B 141 -0.35 -24.49 10.41
N TYR B 142 -1.35 -23.78 10.95
CA TYR B 142 -2.46 -23.21 10.18
C TYR B 142 -1.96 -22.18 9.13
N ALA B 143 -0.85 -21.47 9.40
CA ALA B 143 -0.33 -20.53 8.42
C ALA B 143 0.17 -21.25 7.18
N GLU B 144 0.90 -22.35 7.36
CA GLU B 144 1.39 -23.13 6.21
C GLU B 144 0.20 -23.58 5.35
N PHE B 145 -0.86 -24.04 6.03
CA PHE B 145 -2.10 -24.46 5.38
C PHE B 145 -2.76 -23.32 4.60
N VAL B 146 -2.71 -22.12 5.16
CA VAL B 146 -3.36 -20.97 4.53
C VAL B 146 -2.60 -20.48 3.31
N ASN B 147 -1.27 -20.56 3.33
CA ASN B 147 -0.46 -20.21 2.14
C ASN B 147 -0.51 -21.30 1.03
N GLN B 148 -0.74 -22.55 1.45
CA GLN B 148 -0.86 -23.70 0.54
C GLN B 148 -1.93 -23.50 -0.54
N ARG C 11 25.08 -0.31 -38.18
CA ARG C 11 24.70 0.60 -37.08
C ARG C 11 23.32 0.14 -36.53
N PRO C 12 23.26 -0.26 -35.25
CA PRO C 12 21.99 -0.74 -34.65
C PRO C 12 20.90 0.33 -34.39
N VAL C 13 19.66 0.00 -34.74
CA VAL C 13 18.50 0.88 -34.64
C VAL C 13 17.79 0.78 -33.29
N LEU C 14 17.69 1.91 -32.60
CA LEU C 14 17.08 1.99 -31.28
C LEU C 14 15.60 2.29 -31.46
N THR C 15 14.80 2.00 -30.43
CA THR C 15 13.38 2.33 -30.47
C THR C 15 13.20 3.84 -30.51
N ARG C 16 12.08 4.31 -31.08
CA ARG C 16 11.75 5.76 -31.07
C ARG C 16 12.18 6.44 -29.76
N ALA C 17 11.67 5.92 -28.65
CA ALA C 17 11.89 6.52 -27.35
C ALA C 17 13.34 6.66 -26.94
N ARG C 18 14.19 5.76 -27.38
CA ARG C 18 15.58 5.81 -27.00
C ARG C 18 16.40 6.67 -28.00
N ALA C 19 15.93 6.78 -29.24
CA ALA C 19 16.61 7.57 -30.26
C ALA C 19 16.37 9.06 -30.07
N SER C 20 15.32 9.39 -29.34
CA SER C 20 14.92 10.78 -29.23
C SER C 20 15.68 11.52 -28.12
N LEU C 21 16.45 10.77 -27.34
CA LEU C 21 17.10 11.27 -26.13
C LEU C 21 18.17 12.31 -26.42
N PRO C 22 18.04 13.54 -25.88
CA PRO C 22 19.08 14.54 -25.92
C PRO C 22 20.42 13.96 -25.51
N LEU C 23 21.45 14.31 -26.28
CA LEU C 23 22.77 13.71 -26.11
C LEU C 23 23.44 14.06 -24.77
N VAL C 24 22.95 15.09 -24.09
CA VAL C 24 23.47 15.49 -22.78
C VAL C 24 23.04 14.53 -21.64
N LEU C 25 22.21 13.55 -21.97
CA LEU C 25 21.56 12.65 -20.96
C LEU C 25 21.77 11.18 -21.29
N TYR C 26 21.71 10.32 -20.27
CA TYR C 26 21.82 8.89 -20.52
C TYR C 26 20.82 8.04 -19.75
N ILE C 27 20.35 6.99 -20.41
CA ILE C 27 19.44 6.04 -19.81
C ILE C 27 20.30 4.99 -19.14
N ASP C 28 20.07 4.75 -17.84
CA ASP C 28 20.98 3.90 -17.07
C ASP C 28 20.90 2.44 -17.53
N ARG C 29 22.06 1.86 -17.83
CA ARG C 29 22.09 0.49 -18.37
C ARG C 29 21.38 -0.54 -17.46
N PHE C 30 21.49 -0.40 -16.15
CA PHE C 30 20.92 -1.45 -15.33
C PHE C 30 19.63 -0.99 -14.66
N LEU C 31 19.64 0.22 -14.14
CA LEU C 31 18.51 0.77 -13.44
C LEU C 31 17.44 1.37 -14.35
N GLY C 32 17.85 1.96 -15.45
CA GLY C 32 16.88 2.69 -16.26
C GLY C 32 16.74 4.06 -15.64
N GLY C 33 15.69 4.79 -16.01
CA GLY C 33 15.64 6.22 -15.75
C GLY C 33 16.68 6.98 -16.56
N VAL C 34 16.57 8.30 -16.50
CA VAL C 34 17.33 9.25 -17.27
C VAL C 34 18.19 9.96 -16.27
N PHE C 35 19.49 10.05 -16.54
CA PHE C 35 20.47 10.70 -15.67
C PHE C 35 21.23 11.79 -16.45
N SER C 36 22.08 12.56 -15.77
CA SER C 36 22.81 13.61 -16.47
C SER C 36 24.19 13.10 -16.81
N LYS C 37 24.60 13.30 -18.07
CA LYS C 37 25.98 13.05 -18.50
C LYS C 37 26.92 14.09 -17.90
N ARG C 38 26.48 15.32 -17.81
CA ARG C 38 27.35 16.40 -17.33
C ARG C 38 26.54 17.33 -16.40
N ARG C 39 26.95 18.59 -16.28
CA ARG C 39 26.21 19.48 -15.42
C ARG C 39 25.05 20.07 -16.22
N ILE C 40 23.92 20.25 -15.56
CA ILE C 40 22.83 20.99 -16.15
C ILE C 40 22.42 22.06 -15.16
N PRO C 41 22.59 23.33 -15.56
CA PRO C 41 22.13 24.53 -14.84
C PRO C 41 20.62 24.55 -14.77
N LYS C 42 20.07 25.16 -13.72
CA LYS C 42 18.62 25.30 -13.60
C LYS C 42 17.99 26.16 -14.71
N ARG C 43 16.68 26.14 -14.82
CA ARG C 43 15.93 26.81 -15.90
C ARG C 43 16.11 26.11 -17.24
N THR C 44 16.86 25.03 -17.30
CA THR C 44 17.07 24.34 -18.57
C THR C 44 15.74 23.66 -18.94
N GLN C 45 15.26 23.88 -20.18
CA GLN C 45 13.98 23.34 -20.62
C GLN C 45 14.12 22.14 -21.58
N PHE C 46 13.41 21.07 -21.26
CA PHE C 46 13.37 19.84 -22.07
C PHE C 46 11.98 19.60 -22.62
N GLY C 47 11.85 18.85 -23.72
CA GLY C 47 10.54 18.51 -24.29
C GLY C 47 10.26 19.15 -25.64
N PRO C 48 9.05 18.98 -26.17
CA PRO C 48 7.77 18.52 -25.62
C PRO C 48 7.74 17.04 -25.39
N VAL C 49 6.95 16.64 -24.39
CA VAL C 49 6.55 15.26 -24.25
C VAL C 49 5.80 14.83 -25.51
N GLU C 50 6.18 13.66 -26.03
CA GLU C 50 5.49 13.05 -27.17
C GLU C 50 5.20 11.61 -26.88
N GLY C 51 3.99 11.19 -27.24
CA GLY C 51 3.53 9.82 -27.09
C GLY C 51 2.05 9.84 -27.39
N PRO C 52 1.37 8.69 -27.27
CA PRO C 52 -0.05 8.82 -27.64
C PRO C 52 -0.87 9.48 -26.54
N LEU C 53 -1.98 10.06 -26.97
CA LEU C 53 -2.99 10.67 -26.11
C LEU C 53 -4.18 9.75 -25.90
N VAL C 54 -4.61 9.63 -24.65
CA VAL C 54 -5.62 8.63 -24.30
C VAL C 54 -6.57 9.14 -23.21
N ARG C 55 -7.77 8.57 -23.17
CA ARG C 55 -8.89 9.12 -22.42
C ARG C 55 -8.77 9.17 -20.87
N GLY C 56 -7.79 8.49 -20.29
CA GLY C 56 -7.56 8.68 -18.86
C GLY C 56 -7.77 7.45 -17.99
N SER C 57 -8.84 6.71 -18.28
CA SER C 57 -9.08 5.44 -17.62
C SER C 57 -8.05 4.46 -18.14
N GLU C 58 -7.63 4.70 -19.37
CA GLU C 58 -6.68 3.83 -20.05
C GLU C 58 -5.21 4.11 -19.71
N LEU C 59 -4.93 4.62 -18.51
CA LEU C 59 -3.55 4.88 -18.08
C LEU C 59 -2.98 3.85 -17.11
N LYS C 60 -1.76 3.36 -17.39
CA LYS C 60 -1.04 2.45 -16.48
C LYS C 60 -0.60 3.24 -15.27
N ASP C 61 -0.06 2.56 -14.24
CA ASP C 61 0.38 3.25 -13.04
C ASP C 61 1.90 3.40 -12.81
N CYS C 62 2.66 3.13 -13.87
CA CYS C 62 4.11 3.08 -13.84
C CYS C 62 4.82 4.39 -14.16
N TYR C 63 4.07 5.37 -14.69
CA TYR C 63 4.63 6.67 -15.03
C TYR C 63 3.73 7.79 -14.46
N ILE C 64 4.28 9.00 -14.34
CA ILE C 64 3.52 10.21 -14.01
C ILE C 64 2.41 10.46 -15.06
N HIS C 65 1.21 10.84 -14.63
CA HIS C 65 0.08 11.07 -15.56
C HIS C 65 0.06 12.52 -15.99
N LEU C 66 0.18 12.79 -17.28
CA LEU C 66 0.24 14.16 -17.78
C LEU C 66 -1.01 14.48 -18.55
N LYS C 67 -1.67 15.61 -18.25
CA LYS C 67 -2.82 16.06 -19.07
C LYS C 67 -2.36 16.94 -20.23
N VAL C 68 -3.15 16.97 -21.31
CA VAL C 68 -2.81 17.78 -22.50
C VAL C 68 -4.04 18.17 -23.31
N ASP C 83 -8.14 17.76 -21.98
CA ASP C 83 -9.05 16.63 -22.24
C ASP C 83 -8.39 15.23 -22.12
N LEU C 84 -7.26 15.04 -22.82
CA LEU C 84 -6.59 13.72 -22.97
C LEU C 84 -5.21 13.65 -22.32
N TRP C 85 -4.72 12.42 -22.16
CA TRP C 85 -3.55 12.11 -21.35
C TRP C 85 -2.50 11.32 -22.14
N PHE C 86 -1.24 11.37 -21.68
CA PHE C 86 -0.16 10.66 -22.37
C PHE C 86 0.00 9.20 -21.89
N GLU C 87 -0.04 8.26 -22.83
CA GLU C 87 0.23 6.85 -22.51
C GLU C 87 1.70 6.54 -22.74
N LEU C 88 2.48 6.43 -21.66
CA LEU C 88 3.95 6.36 -21.75
C LEU C 88 4.59 4.95 -21.61
N SER C 89 3.94 3.92 -22.18
CA SER C 89 4.38 2.51 -22.08
C SER C 89 5.33 2.05 -23.21
N ASP C 90 4.97 2.38 -24.46
CA ASP C 90 5.57 1.81 -25.67
C ASP C 90 6.72 2.70 -26.14
N GLU C 91 7.92 2.15 -26.23
CA GLU C 91 9.11 2.91 -26.62
C GLU C 91 9.08 3.20 -28.11
N THR C 92 8.20 2.47 -28.81
CA THR C 92 8.00 2.63 -30.25
C THR C 92 7.07 3.80 -30.56
N LEU C 93 6.35 4.30 -29.55
CA LEU C 93 5.38 5.39 -29.77
C LEU C 93 5.60 6.69 -28.97
N CYS C 94 6.64 6.71 -28.12
CA CYS C 94 6.96 7.88 -27.25
C CYS C 94 8.39 8.41 -27.41
N ASN C 95 8.58 9.69 -27.10
CA ASN C 95 9.94 10.14 -26.99
C ASN C 95 10.57 9.66 -25.66
N TRP C 96 11.81 10.03 -25.43
CA TRP C 96 12.55 9.62 -24.25
C TRP C 96 11.91 10.00 -22.92
N MET C 97 11.07 11.04 -22.92
CA MET C 97 10.58 11.55 -21.67
C MET C 97 9.77 10.55 -20.94
N MET C 98 9.30 9.49 -21.63
CA MET C 98 8.72 8.32 -20.98
C MET C 98 9.65 7.78 -19.91
N PHE C 99 10.95 8.01 -20.04
CA PHE C 99 11.88 7.31 -19.14
C PHE C 99 12.13 8.06 -17.84
N VAL C 100 11.60 9.28 -17.73
CA VAL C 100 11.92 10.11 -16.58
C VAL C 100 11.03 9.68 -15.43
N ARG C 101 11.65 9.20 -14.36
CA ARG C 101 10.86 8.78 -13.22
C ARG C 101 10.27 9.99 -12.49
N PRO C 102 9.09 9.77 -11.86
CA PRO C 102 8.53 10.88 -11.10
C PRO C 102 9.24 11.01 -9.73
N ALA C 103 9.39 12.26 -9.26
CA ALA C 103 9.87 12.57 -7.92
C ALA C 103 8.85 12.16 -6.83
N GLN C 104 9.33 11.64 -5.71
CA GLN C 104 8.51 11.32 -4.51
C GLN C 104 8.66 12.31 -3.33
N ASN C 105 9.66 13.18 -3.40
CA ASN C 105 9.92 14.15 -2.31
C ASN C 105 10.61 15.31 -2.96
N HIS C 106 10.63 16.43 -2.28
CA HIS C 106 11.28 17.63 -2.75
C HIS C 106 12.79 17.43 -2.99
N LEU C 107 13.44 16.66 -2.10
CA LEU C 107 14.86 16.42 -2.19
C LEU C 107 15.21 15.88 -3.55
N GLU C 108 14.54 14.82 -4.02
CA GLU C 108 14.96 14.27 -5.31
C GLU C 108 14.45 15.05 -6.57
N GLN C 109 13.37 15.82 -6.42
CA GLN C 109 12.78 16.48 -7.56
C GLN C 109 13.76 17.49 -8.11
N ASN C 110 14.10 17.40 -9.39
CA ASN C 110 14.83 18.49 -10.05
C ASN C 110 14.18 18.97 -11.34
N LEU C 111 12.97 18.51 -11.64
CA LEU C 111 12.25 18.96 -12.85
C LEU C 111 10.79 19.29 -12.55
N VAL C 112 10.31 20.39 -13.12
CA VAL C 112 8.89 20.67 -13.11
C VAL C 112 8.30 20.47 -14.50
N ALA C 113 7.18 19.75 -14.55
CA ALA C 113 6.36 19.64 -15.73
C ALA C 113 5.27 20.72 -15.78
N TYR C 114 5.04 21.20 -16.99
CA TYR C 114 3.93 22.13 -17.24
C TYR C 114 3.68 22.17 -18.72
N GLN C 115 2.58 22.78 -19.10
CA GLN C 115 2.20 22.97 -20.47
C GLN C 115 2.46 24.41 -20.89
N TYR C 116 2.88 24.61 -22.14
CA TYR C 116 3.13 25.96 -22.60
C TYR C 116 2.24 26.44 -23.78
N GLY C 117 2.22 25.72 -24.90
CA GLY C 117 1.24 26.03 -25.95
C GLY C 117 0.32 24.82 -26.01
N HIS C 118 0.43 24.06 -27.11
CA HIS C 118 -0.13 22.70 -27.22
C HIS C 118 0.77 21.64 -26.53
N HIS C 119 1.85 22.06 -25.85
CA HIS C 119 2.87 21.12 -25.41
C HIS C 119 3.20 21.05 -23.88
N VAL C 120 3.62 19.89 -23.40
CA VAL C 120 4.15 19.71 -22.04
C VAL C 120 5.69 19.71 -22.02
N TYR C 121 6.32 20.53 -21.18
CA TYR C 121 7.79 20.50 -21.04
C TYR C 121 8.19 20.09 -19.66
N TYR C 122 9.47 19.77 -19.47
CA TYR C 122 10.02 19.56 -18.10
C TYR C 122 11.21 20.49 -17.89
N THR C 123 11.18 21.37 -16.88
CA THR C 123 12.28 22.36 -16.72
C THR C 123 13.04 22.18 -15.42
N THR C 124 14.35 22.40 -15.42
CA THR C 124 15.13 22.15 -14.19
C THR C 124 14.91 23.25 -13.16
N ILE C 125 14.58 22.87 -11.93
CA ILE C 125 14.45 23.84 -10.83
C ILE C 125 15.64 23.83 -9.86
N LYS C 126 16.66 23.02 -10.14
CA LYS C 126 17.92 23.00 -9.36
C LYS C 126 19.04 22.68 -10.32
N ASN C 127 20.28 22.92 -9.88
CA ASN C 127 21.46 22.47 -10.62
C ASN C 127 21.56 20.96 -10.57
N VAL C 128 21.47 20.31 -11.72
CA VAL C 128 21.67 18.87 -11.79
C VAL C 128 23.15 18.53 -11.99
N GLU C 129 23.72 17.79 -11.05
CA GLU C 129 25.13 17.36 -11.15
C GLU C 129 25.28 16.03 -11.91
N PRO C 130 26.50 15.68 -12.33
CA PRO C 130 26.50 14.52 -13.21
C PRO C 130 26.19 13.23 -12.46
N LYS C 131 25.59 12.29 -13.20
CA LYS C 131 25.24 10.96 -12.71
C LYS C 131 24.03 10.98 -11.74
N GLN C 132 23.45 12.17 -11.55
CA GLN C 132 22.32 12.40 -10.70
C GLN C 132 21.11 12.09 -11.56
N GLU C 133 20.02 11.59 -10.98
CA GLU C 133 18.87 11.15 -11.77
C GLU C 133 17.98 12.37 -12.00
N LEU C 134 17.25 12.37 -13.12
CA LEU C 134 16.26 13.42 -13.34
C LEU C 134 14.90 12.94 -12.87
N LYS C 135 14.26 13.72 -11.99
CA LYS C 135 12.94 13.35 -11.56
C LYS C 135 11.97 14.52 -11.57
N VAL C 136 10.77 14.27 -12.07
CA VAL C 136 9.79 15.29 -12.35
C VAL C 136 8.56 15.24 -11.43
N TRP C 137 8.00 16.42 -11.19
CA TRP C 137 6.66 16.54 -10.68
C TRP C 137 6.08 17.81 -11.27
N TYR C 138 4.78 17.99 -11.06
CA TYR C 138 3.99 19.03 -11.69
C TYR C 138 4.35 20.37 -11.08
N ALA C 139 4.22 21.43 -11.86
CA ALA C 139 4.43 22.74 -11.31
C ALA C 139 3.10 23.12 -10.69
N ALA C 140 3.17 24.02 -9.72
CA ALA C 140 1.98 24.37 -8.96
C ALA C 140 0.75 24.65 -9.85
N SER C 141 0.92 25.43 -10.92
CA SER C 141 -0.20 25.76 -11.84
C SER C 141 -0.63 24.56 -12.73
N TYR C 142 0.34 23.75 -13.14
CA TYR C 142 -0.01 22.62 -13.96
C TYR C 142 -0.76 21.58 -13.12
N ALA C 143 -0.38 21.45 -11.86
CA ALA C 143 -1.05 20.50 -10.96
C ALA C 143 -2.53 20.79 -10.81
N GLU C 144 -2.84 22.08 -10.72
CA GLU C 144 -4.18 22.59 -10.53
C GLU C 144 -5.04 22.15 -11.68
N PHE C 145 -4.43 22.13 -12.86
CA PHE C 145 -5.10 21.67 -14.07
C PHE C 145 -5.22 20.14 -14.17
N VAL C 146 -4.24 19.40 -13.67
CA VAL C 146 -4.30 17.95 -13.73
C VAL C 146 -5.32 17.37 -12.77
N ASN C 147 -5.38 17.91 -11.55
CA ASN C 147 -6.44 17.52 -10.60
C ASN C 147 -7.75 18.26 -10.95
N GLN C 148 -8.84 17.52 -11.19
CA GLN C 148 -10.08 18.12 -11.71
C GLN C 148 -11.38 17.44 -11.26
N PRO D 7 12.02 44.13 1.04
CA PRO D 7 11.02 43.17 0.54
C PRO D 7 10.56 42.16 1.59
N ILE D 8 9.36 42.31 2.14
CA ILE D 8 8.74 41.22 2.89
C ILE D 8 7.46 40.78 2.16
N PRO D 9 7.17 39.49 2.08
CA PRO D 9 6.07 39.29 1.13
C PRO D 9 4.79 38.80 1.74
N ASN D 10 3.70 38.98 0.99
CA ASN D 10 2.41 38.45 1.40
C ASN D 10 2.51 36.94 1.63
N ARG D 11 1.80 36.46 2.64
CA ARG D 11 1.76 35.09 3.05
C ARG D 11 0.69 34.41 2.18
N PRO D 12 1.00 33.25 1.56
CA PRO D 12 0.07 32.61 0.60
C PRO D 12 -1.21 32.16 1.25
N VAL D 13 -2.31 32.34 0.53
CA VAL D 13 -3.62 31.95 1.03
C VAL D 13 -4.01 30.61 0.43
N LEU D 14 -4.15 29.60 1.29
CA LEU D 14 -4.47 28.22 0.91
C LEU D 14 -5.94 28.18 0.66
N THR D 15 -6.45 27.09 0.09
CA THR D 15 -7.91 26.94 -0.02
C THR D 15 -8.44 26.54 1.36
N ARG D 16 -9.75 26.68 1.55
CA ARG D 16 -10.39 26.29 2.80
C ARG D 16 -9.91 24.93 3.36
N ALA D 17 -10.03 23.87 2.57
CA ALA D 17 -9.63 22.54 2.99
C ALA D 17 -8.16 22.45 3.43
N ARG D 18 -7.24 23.08 2.71
CA ARG D 18 -5.86 23.05 3.18
C ARG D 18 -5.67 23.97 4.40
N ALA D 19 -6.33 25.13 4.40
CA ALA D 19 -6.24 26.03 5.54
C ALA D 19 -6.52 25.31 6.87
N SER D 20 -7.64 24.60 6.92
CA SER D 20 -8.16 23.93 8.13
C SER D 20 -7.37 22.77 8.72
N LEU D 21 -6.39 22.23 7.99
CA LEU D 21 -5.57 21.11 8.49
C LEU D 21 -4.95 21.36 9.87
N PRO D 22 -5.24 20.50 10.86
CA PRO D 22 -4.52 20.58 12.10
C PRO D 22 -3.01 20.44 11.90
N LEU D 23 -2.28 21.00 12.83
CA LEU D 23 -0.83 21.23 12.71
C LEU D 23 0.07 20.02 12.87
N VAL D 24 -0.40 18.95 13.50
CA VAL D 24 0.41 17.72 13.50
C VAL D 24 0.27 16.90 12.20
N LEU D 25 -0.27 17.50 11.15
CA LEU D 25 -0.64 16.76 9.94
C LEU D 25 -0.24 17.52 8.71
N TYR D 26 0.10 16.80 7.66
CA TYR D 26 0.46 17.50 6.46
C TYR D 26 -0.07 16.74 5.28
N ILE D 27 -0.29 17.44 4.20
CA ILE D 27 -0.71 16.81 2.96
C ILE D 27 0.56 16.72 2.13
N ASP D 28 0.96 15.49 1.78
CA ASP D 28 2.09 15.20 0.93
C ASP D 28 1.65 15.22 -0.54
N ARG D 29 2.19 16.16 -1.29
CA ARG D 29 1.79 16.42 -2.66
C ARG D 29 2.27 15.35 -3.63
N PHE D 30 3.31 14.59 -3.28
CA PHE D 30 3.89 13.58 -4.20
C PHE D 30 3.16 12.28 -4.05
N LEU D 31 2.84 11.96 -2.80
CA LEU D 31 2.31 10.65 -2.46
C LEU D 31 0.79 10.72 -2.23
N GLY D 32 0.23 11.94 -2.18
CA GLY D 32 -1.22 12.11 -2.03
C GLY D 32 -1.63 11.62 -0.65
N GLY D 33 -2.63 12.22 -0.03
CA GLY D 33 -3.03 11.77 1.29
C GLY D 33 -2.56 12.63 2.46
N VAL D 34 -3.14 12.39 3.63
CA VAL D 34 -2.78 13.06 4.88
C VAL D 34 -1.88 12.14 5.70
N PHE D 35 -0.88 12.71 6.35
CA PHE D 35 0.19 11.99 7.06
C PHE D 35 0.47 12.64 8.41
N SER D 36 1.12 11.91 9.31
CA SER D 36 1.37 12.42 10.63
C SER D 36 2.77 13.05 10.71
N LYS D 37 2.87 14.29 11.18
CA LYS D 37 4.20 14.86 11.37
C LYS D 37 4.80 14.11 12.55
N ARG D 38 3.95 13.66 13.48
CA ARG D 38 4.43 13.07 14.75
C ARG D 38 3.61 11.83 15.13
N ARG D 39 3.95 11.18 16.25
CA ARG D 39 3.15 10.03 16.74
C ARG D 39 1.75 10.46 17.15
N ILE D 40 0.77 9.69 16.72
CA ILE D 40 -0.62 9.92 17.06
C ILE D 40 -1.13 8.68 17.73
N PRO D 41 -1.47 8.79 19.03
CA PRO D 41 -1.97 7.61 19.73
C PRO D 41 -3.26 7.04 19.16
N LYS D 42 -3.41 5.73 19.28
CA LYS D 42 -4.73 5.10 19.28
C LYS D 42 -5.76 5.94 20.06
N ARG D 43 -6.96 6.02 19.50
CA ARG D 43 -8.08 6.65 20.22
C ARG D 43 -8.06 8.20 20.18
N THR D 44 -7.27 8.77 19.28
CA THR D 44 -7.33 10.20 18.99
C THR D 44 -8.50 10.52 18.02
N GLN D 45 -9.27 11.59 18.32
CA GLN D 45 -10.42 12.01 17.48
C GLN D 45 -10.22 13.29 16.63
N PHE D 46 -10.39 13.14 15.32
CA PHE D 46 -10.39 14.25 14.36
C PHE D 46 -11.79 14.57 13.88
N GLY D 47 -11.93 15.75 13.29
CA GLY D 47 -13.19 16.25 12.79
C GLY D 47 -13.82 17.23 13.73
N PRO D 48 -15.05 17.71 13.39
CA PRO D 48 -16.01 17.17 12.40
C PRO D 48 -15.79 17.48 10.92
N VAL D 49 -16.12 16.53 10.05
CA VAL D 49 -16.23 16.72 8.59
C VAL D 49 -17.14 17.91 8.19
N GLU D 50 -16.65 18.76 7.28
CA GLU D 50 -17.36 19.97 6.82
C GLU D 50 -17.57 19.99 5.31
N GLY D 51 -18.73 20.52 4.86
CA GLY D 51 -19.20 20.51 3.45
C GLY D 51 -20.62 19.95 3.27
N ASP D 61 -17.88 11.03 -7.10
CA ASP D 61 -17.80 9.67 -6.57
C ASP D 61 -16.35 9.17 -6.46
N CYS D 62 -15.50 9.99 -5.85
CA CYS D 62 -14.10 9.66 -5.64
C CYS D 62 -13.70 10.24 -4.28
N TYR D 63 -14.39 9.75 -3.26
CA TYR D 63 -14.17 10.07 -1.84
C TYR D 63 -15.12 9.15 -1.10
N ILE D 64 -14.80 8.77 0.14
CA ILE D 64 -15.71 7.93 0.95
C ILE D 64 -17.12 8.53 0.93
N HIS D 65 -18.13 7.68 0.89
CA HIS D 65 -19.46 8.18 0.99
C HIS D 65 -19.90 8.31 2.46
N LEU D 66 -20.27 9.52 2.89
CA LEU D 66 -20.68 9.70 4.29
C LEU D 66 -22.15 10.13 4.41
N LYS D 67 -23.00 9.34 5.06
CA LYS D 67 -24.38 9.79 5.43
C LYS D 67 -24.44 10.58 6.76
N VAL D 68 -25.39 11.52 6.86
CA VAL D 68 -25.44 12.45 8.01
C VAL D 68 -26.75 12.41 8.83
N TRP D 85 -25.79 13.27 2.29
CA TRP D 85 -24.40 12.88 2.05
C TRP D 85 -23.42 14.05 1.94
N PHE D 86 -22.17 13.86 2.35
CA PHE D 86 -21.13 14.87 2.16
C PHE D 86 -20.58 14.86 0.71
N GLU D 87 -20.58 16.04 0.09
CA GLU D 87 -20.01 16.23 -1.26
C GLU D 87 -18.56 16.74 -1.19
N LEU D 88 -17.64 15.81 -0.95
CA LEU D 88 -16.24 16.12 -0.64
C LEU D 88 -15.35 16.54 -1.84
N SER D 89 -15.97 17.18 -2.83
CA SER D 89 -15.30 17.48 -4.08
C SER D 89 -14.48 18.80 -4.06
N ASP D 90 -15.05 19.87 -3.51
CA ASP D 90 -14.46 21.22 -3.62
C ASP D 90 -13.58 21.62 -2.43
N GLU D 91 -12.44 22.23 -2.70
CA GLU D 91 -11.48 22.65 -1.64
C GLU D 91 -11.86 23.94 -0.89
N THR D 92 -12.82 24.67 -1.43
CA THR D 92 -13.31 25.89 -0.78
C THR D 92 -14.66 25.68 -0.11
N LEU D 93 -15.30 24.55 -0.38
CA LEU D 93 -16.52 24.24 0.31
C LEU D 93 -16.29 23.32 1.53
N CYS D 94 -15.21 22.54 1.55
CA CYS D 94 -14.96 21.54 2.62
C CYS D 94 -13.70 21.79 3.45
N ASN D 95 -13.62 21.17 4.63
CA ASN D 95 -12.41 21.18 5.42
C ASN D 95 -11.45 20.04 4.97
N TRP D 96 -10.28 19.93 5.63
CA TRP D 96 -9.22 19.02 5.27
C TRP D 96 -9.56 17.56 5.13
N MET D 97 -10.60 17.12 5.82
CA MET D 97 -10.88 15.69 5.87
C MET D 97 -11.20 15.11 4.50
N MET D 98 -11.51 16.00 3.55
CA MET D 98 -11.74 15.59 2.17
C MET D 98 -10.50 14.88 1.60
N PHE D 99 -9.36 15.02 2.27
CA PHE D 99 -8.10 14.57 1.69
C PHE D 99 -7.71 13.23 2.24
N VAL D 100 -8.36 12.80 3.31
CA VAL D 100 -8.03 11.55 3.92
C VAL D 100 -8.63 10.40 3.10
N ARG D 101 -7.78 9.65 2.41
CA ARG D 101 -8.24 8.57 1.56
C ARG D 101 -8.94 7.34 2.19
N PRO D 102 -9.83 6.71 1.45
CA PRO D 102 -10.41 5.52 2.04
C PRO D 102 -9.41 4.33 2.07
N ALA D 103 -9.29 3.65 3.21
CA ALA D 103 -8.47 2.48 3.36
C ALA D 103 -9.02 1.40 2.43
N GLN D 104 -8.14 0.68 1.76
CA GLN D 104 -8.51 -0.38 0.79
C GLN D 104 -8.43 -1.80 1.36
N ASN D 105 -7.84 -1.96 2.55
CA ASN D 105 -7.74 -3.23 3.25
C ASN D 105 -7.42 -2.92 4.73
N HIS D 106 -7.30 -3.94 5.60
CA HIS D 106 -7.09 -3.71 7.06
C HIS D 106 -5.64 -3.39 7.46
N LEU D 107 -4.67 -3.79 6.64
CA LEU D 107 -3.28 -3.39 6.88
C LEU D 107 -3.12 -1.87 6.95
N GLU D 108 -3.84 -1.13 6.12
CA GLU D 108 -3.60 0.29 6.00
C GLU D 108 -4.62 1.13 6.76
N GLN D 109 -5.81 0.62 7.05
CA GLN D 109 -6.74 1.39 7.86
C GLN D 109 -6.16 1.74 9.24
N ASN D 110 -6.17 3.03 9.60
CA ASN D 110 -5.86 3.40 10.96
C ASN D 110 -6.85 4.36 11.57
N LEU D 111 -7.90 4.65 10.80
CA LEU D 111 -9.06 5.47 11.20
C LEU D 111 -10.38 4.68 10.95
N VAL D 112 -11.38 4.93 11.82
CA VAL D 112 -12.76 4.64 11.54
C VAL D 112 -13.54 5.93 11.62
N ALA D 113 -14.62 5.99 10.84
CA ALA D 113 -15.60 7.10 10.87
C ALA D 113 -16.90 6.65 11.52
N TYR D 114 -17.56 7.63 12.12
CA TYR D 114 -18.90 7.48 12.68
C TYR D 114 -19.52 8.85 12.98
N GLN D 115 -20.81 8.83 13.30
CA GLN D 115 -21.56 10.02 13.70
C GLN D 115 -21.78 10.02 15.21
N TYR D 116 -21.30 11.07 15.86
CA TYR D 116 -21.44 11.17 17.31
C TYR D 116 -22.58 12.12 17.65
N GLY D 117 -22.58 13.33 17.10
CA GLY D 117 -23.68 14.25 17.43
C GLY D 117 -24.62 14.41 16.25
N HIS D 118 -24.63 15.59 15.66
CA HIS D 118 -25.07 15.76 14.31
C HIS D 118 -23.80 15.99 13.48
N HIS D 119 -22.73 15.23 13.79
CA HIS D 119 -21.43 15.40 13.12
C HIS D 119 -20.64 14.10 13.00
N VAL D 120 -19.86 14.01 11.93
CA VAL D 120 -19.07 12.82 11.61
C VAL D 120 -17.61 13.03 12.00
N TYR D 121 -17.07 12.08 12.75
CA TYR D 121 -15.66 12.13 13.17
C TYR D 121 -14.87 10.92 12.68
N TYR D 122 -13.55 11.04 12.70
CA TYR D 122 -12.59 10.01 12.30
C TYR D 122 -11.72 9.79 13.53
N THR D 123 -11.60 8.56 13.96
CA THR D 123 -10.80 8.31 15.15
C THR D 123 -9.81 7.20 14.91
N THR D 124 -8.62 7.34 15.45
CA THR D 124 -7.58 6.38 15.18
C THR D 124 -7.88 5.12 15.94
N ILE D 125 -7.61 3.99 15.31
CA ILE D 125 -7.84 2.68 15.92
C ILE D 125 -6.49 2.04 16.14
N LYS D 126 -5.42 2.79 15.82
CA LYS D 126 -4.03 2.34 15.96
C LYS D 126 -3.25 3.57 16.38
N ASN D 127 -2.14 3.35 17.09
CA ASN D 127 -1.07 4.37 17.20
C ASN D 127 -0.44 4.54 15.81
N VAL D 128 -0.23 5.78 15.37
CA VAL D 128 0.30 6.00 14.03
C VAL D 128 1.68 6.64 14.10
N GLU D 129 2.71 5.86 13.74
CA GLU D 129 4.09 6.36 13.61
C GLU D 129 4.16 7.48 12.54
N PRO D 130 5.17 8.36 12.64
CA PRO D 130 5.22 9.48 11.70
C PRO D 130 5.48 9.09 10.26
N LYS D 131 4.83 9.84 9.38
CA LYS D 131 4.94 9.70 7.95
C LYS D 131 4.43 8.33 7.53
N GLN D 132 3.31 7.93 8.12
CA GLN D 132 2.48 6.80 7.65
C GLN D 132 1.13 7.44 7.35
N GLU D 133 0.44 6.99 6.30
CA GLU D 133 -0.76 7.71 5.85
C GLU D 133 -2.00 7.44 6.69
N LEU D 134 -2.73 8.50 7.05
CA LEU D 134 -4.07 8.33 7.63
C LEU D 134 -5.03 7.83 6.57
N LYS D 135 -5.65 6.68 6.81
CA LYS D 135 -6.64 6.19 5.87
C LYS D 135 -7.80 5.73 6.70
N VAL D 136 -9.02 5.82 6.15
CA VAL D 136 -10.29 5.68 6.93
C VAL D 136 -11.30 4.71 6.32
N TRP D 137 -12.11 4.11 7.18
CA TRP D 137 -13.27 3.38 6.71
C TRP D 137 -14.34 3.37 7.77
N TYR D 138 -15.53 2.93 7.43
CA TYR D 138 -16.65 2.91 8.36
C TYR D 138 -16.44 2.12 9.66
N ALA D 139 -16.87 2.71 10.76
CA ALA D 139 -17.01 1.98 11.99
C ALA D 139 -18.16 1.04 11.70
N ALA D 140 -18.05 -0.19 12.22
CA ALA D 140 -19.03 -1.25 12.07
C ALA D 140 -20.50 -0.88 12.24
N SER D 141 -20.83 0.04 13.15
CA SER D 141 -22.24 0.37 13.31
C SER D 141 -22.67 1.51 12.39
N TYR D 142 -21.78 2.49 12.24
CA TYR D 142 -21.87 3.47 11.15
C TYR D 142 -22.11 2.85 9.74
N ALA D 143 -21.44 1.74 9.42
CA ALA D 143 -21.64 1.07 8.13
C ALA D 143 -23.13 0.64 7.92
N GLU D 144 -23.70 -0.03 8.94
CA GLU D 144 -25.12 -0.37 8.99
C GLU D 144 -26.05 0.81 8.62
N PHE D 145 -25.70 2.01 9.09
CA PHE D 145 -26.53 3.18 8.90
C PHE D 145 -26.36 3.74 7.48
N VAL D 146 -25.10 3.90 7.07
CA VAL D 146 -24.74 4.23 5.69
C VAL D 146 -25.34 3.24 4.67
N ASN D 147 -25.69 2.03 5.08
CA ASN D 147 -26.10 0.99 4.13
C ASN D 147 -27.46 0.36 4.44
#